data_2WVE
#
_entry.id   2WVE
#
_cell.length_a   118.761
_cell.length_b   118.761
_cell.length_c   50.294
_cell.angle_alpha   90.00
_cell.angle_beta   90.00
_cell.angle_gamma   90.00
#
_symmetry.space_group_name_H-M   'P 43 21 2'
#
loop_
_entity.id
_entity.type
_entity.pdbx_description
1 polymer 'PUTATIVE NICKEL-RESPONSIVE REGULATOR'
2 non-polymer 'SULFATE ION'
3 non-polymer GLYCEROL
4 non-polymer 2-AMINO-2-HYDROXYMETHYL-PROPANE-1,3-DIOL
5 non-polymer 'CITRIC ACID'
6 water water
#
_entity_poly.entity_id   1
_entity_poly.type   'polypeptide(L)'
_entity_poly.pdbx_seq_one_letter_code
;MDTPNKDDSIIRFSVSLQQNLLDELDNRIIKNGYSSRSELVRDMIREKLVEDNWAEDNPNDESKIAVLVVIYDHHQRELN
QRMIDIFHASGTHVLCTTHIHMDEHNCLETIILQGNSFEIQRLQLEIGGLRGVKFAKLTKASSFEYNE
;
_entity_poly.pdbx_strand_id   A,B
#
loop_
_chem_comp.id
_chem_comp.type
_chem_comp.name
_chem_comp.formula
CIT non-polymer 'CITRIC ACID' 'C6 H8 O7'
GOL non-polymer GLYCEROL 'C3 H8 O3'
SO4 non-polymer 'SULFATE ION' 'O4 S -2'
TRS non-polymer 2-AMINO-2-HYDROXYMETHYL-PROPANE-1,3-DIOL 'C4 H12 N O3 1'
#
# COMPACT_ATOMS: atom_id res chain seq x y z
N SER A 9 24.92 -18.85 0.49
CA SER A 9 25.61 -18.22 -0.64
C SER A 9 25.08 -16.82 -0.94
N ILE A 10 25.98 -15.84 -0.95
CA ILE A 10 25.58 -14.45 -1.22
C ILE A 10 25.95 -14.01 -2.65
N ILE A 11 25.05 -13.26 -3.27
CA ILE A 11 25.20 -12.82 -4.65
C ILE A 11 25.10 -11.31 -4.69
N ARG A 12 25.59 -10.69 -5.75
CA ARG A 12 25.35 -9.27 -5.96
C ARG A 12 24.92 -8.94 -7.38
N PHE A 13 24.07 -7.91 -7.46
CA PHE A 13 23.59 -7.34 -8.70
C PHE A 13 23.53 -5.84 -8.41
N SER A 14 23.62 -4.99 -9.43
CA SER A 14 23.58 -3.55 -9.20
C SER A 14 22.20 -2.94 -9.43
N VAL A 15 21.94 -1.85 -8.73
CA VAL A 15 20.64 -1.17 -8.80
C VAL A 15 20.78 0.25 -9.36
N SER A 16 20.00 0.55 -10.39
CA SER A 16 19.98 1.88 -10.98
C SER A 16 18.93 2.74 -10.30
N LEU A 17 19.25 4.01 -10.09
CA LEU A 17 18.31 4.95 -9.49
C LEU A 17 18.73 6.39 -9.68
N GLN A 18 17.82 7.31 -9.37
CA GLN A 18 18.08 8.74 -9.54
C GLN A 18 18.78 9.32 -8.31
N GLN A 19 19.44 10.46 -8.50
CA GLN A 19 20.09 11.15 -7.40
C GLN A 19 19.14 11.42 -6.24
N ASN A 20 17.94 11.90 -6.56
CA ASN A 20 16.91 12.23 -5.57
C ASN A 20 16.63 11.06 -4.63
N LEU A 21 16.43 9.88 -5.21
CA LEU A 21 16.14 8.69 -4.42
C LEU A 21 17.36 8.26 -3.61
N LEU A 22 18.54 8.39 -4.21
CA LEU A 22 19.78 8.02 -3.54
C LEU A 22 20.02 8.91 -2.32
N ASP A 23 19.72 10.20 -2.47
CA ASP A 23 19.89 11.16 -1.39
C ASP A 23 19.01 10.77 -0.20
N GLU A 24 17.73 10.50 -0.49
CA GLU A 24 16.77 10.11 0.53
C GLU A 24 17.19 8.83 1.23
N LEU A 25 17.69 7.87 0.44
CA LEU A 25 18.19 6.60 0.98
C LEU A 25 19.37 6.82 1.92
N ASP A 26 20.39 7.52 1.43
CA ASP A 26 21.59 7.77 2.21
C ASP A 26 21.31 8.57 3.49
N ASN A 27 20.39 9.53 3.40
CA ASN A 27 20.01 10.31 4.56
C ASN A 27 19.40 9.42 5.65
N ARG A 28 18.54 8.50 5.23
CA ARG A 28 17.88 7.60 6.17
C ARG A 28 18.85 6.61 6.80
N ILE A 29 19.79 6.11 5.99
CA ILE A 29 20.81 5.18 6.46
C ILE A 29 21.66 5.80 7.56
N ILE A 30 22.07 7.04 7.34
CA ILE A 30 22.83 7.79 8.34
C ILE A 30 21.99 8.05 9.58
N LYS A 31 20.75 8.50 9.35
CA LYS A 31 19.86 8.90 10.43
C LYS A 31 19.47 7.74 11.35
N ASN A 32 19.21 6.58 10.76
CA ASN A 32 18.75 5.42 11.52
C ASN A 32 19.86 4.44 11.89
N GLY A 33 21.04 4.65 11.33
CA GLY A 33 22.19 3.83 11.67
C GLY A 33 22.22 2.48 10.99
N TYR A 34 21.63 2.39 9.80
CA TYR A 34 21.78 1.21 8.96
C TYR A 34 23.26 1.01 8.68
N SER A 35 23.70 -0.24 8.57
CA SER A 35 25.11 -0.54 8.32
C SER A 35 25.51 -0.25 6.87
N SER A 36 24.57 -0.46 5.94
CA SER A 36 24.84 -0.22 4.53
C SER A 36 23.55 -0.10 3.72
N ARG A 37 23.70 0.18 2.42
CA ARG A 37 22.58 0.24 1.50
C ARG A 37 22.02 -1.15 1.25
N SER A 38 22.91 -2.12 1.09
CA SER A 38 22.52 -3.50 0.88
C SER A 38 21.67 -4.01 2.04
N GLU A 39 22.04 -3.60 3.25
CA GLU A 39 21.35 -4.06 4.46
C GLU A 39 19.89 -3.60 4.49
N LEU A 40 19.66 -2.35 4.13
CA LEU A 40 18.31 -1.80 4.09
C LEU A 40 17.46 -2.57 3.07
N VAL A 41 18.05 -2.85 1.91
CA VAL A 41 17.36 -3.57 0.84
C VAL A 41 17.07 -5.00 1.26
N ARG A 42 18.04 -5.64 1.91
CA ARG A 42 17.87 -6.99 2.43
C ARG A 42 16.70 -7.05 3.42
N ASP A 43 16.71 -6.12 4.37
CA ASP A 43 15.68 -6.06 5.40
C ASP A 43 14.29 -5.89 4.81
N MET A 44 14.18 -5.06 3.77
CA MET A 44 12.90 -4.84 3.11
C MET A 44 12.45 -6.06 2.32
N ILE A 45 13.40 -6.74 1.66
CA ILE A 45 13.11 -7.96 0.94
C ILE A 45 12.61 -9.04 1.91
N ARG A 46 13.30 -9.17 3.03
CA ARG A 46 12.87 -10.08 4.09
C ARG A 46 11.47 -9.69 4.57
N GLU A 47 11.27 -8.39 4.77
CA GLU A 47 9.99 -7.89 5.26
C GLU A 47 8.86 -8.27 4.30
N LYS A 48 9.08 -8.08 3.01
CA LYS A 48 8.09 -8.45 2.01
C LYS A 48 7.84 -9.95 2.02
N LEU A 49 8.90 -10.71 2.32
CA LEU A 49 8.83 -12.17 2.31
C LEU A 49 7.93 -12.68 3.45
N VAL A 50 8.07 -12.07 4.62
CA VAL A 50 7.38 -12.52 5.83
C VAL A 50 6.10 -11.73 6.09
N GLU A 51 5.79 -10.79 5.19
CA GLU A 51 4.66 -9.88 5.38
C GLU A 51 3.32 -10.61 5.28
N ASP A 52 2.37 -10.23 6.13
CA ASP A 52 1.02 -10.78 6.02
C ASP A 52 0.56 -10.76 4.57
N ASN A 53 0.02 -11.88 4.11
CA ASN A 53 -0.48 -11.97 2.74
C ASN A 53 -1.50 -13.08 2.54
N TRP A 54 -2.25 -13.01 1.45
CA TRP A 54 -3.15 -14.10 1.10
C TRP A 54 -2.36 -15.27 0.50
N ASN A 58 -2.85 -20.85 -4.10
CA ASN A 58 -4.30 -20.82 -4.35
C ASN A 58 -4.58 -20.81 -5.86
N PRO A 59 -5.81 -21.19 -6.25
CA PRO A 59 -6.15 -21.48 -7.65
C PRO A 59 -6.41 -20.25 -8.51
N ASN A 60 -7.06 -20.48 -9.65
CA ASN A 60 -7.65 -19.40 -10.43
C ASN A 60 -8.99 -19.04 -9.79
N ASP A 61 -9.02 -19.00 -8.47
CA ASP A 61 -10.17 -18.49 -7.75
C ASP A 61 -10.45 -17.11 -8.31
N GLU A 62 -11.63 -16.93 -8.88
CA GLU A 62 -11.97 -15.65 -9.49
C GLU A 62 -12.74 -14.74 -8.51
N SER A 63 -12.71 -15.09 -7.23
CA SER A 63 -13.49 -14.38 -6.22
C SER A 63 -12.64 -13.64 -5.20
N LYS A 64 -11.36 -13.48 -5.50
CA LYS A 64 -10.45 -12.73 -4.64
C LYS A 64 -10.88 -11.26 -4.57
N ILE A 65 -10.82 -10.69 -3.38
CA ILE A 65 -11.17 -9.29 -3.19
C ILE A 65 -9.93 -8.48 -2.80
N ALA A 66 -9.80 -7.29 -3.37
CA ALA A 66 -8.68 -6.42 -3.07
C ALA A 66 -9.09 -4.95 -3.15
N VAL A 67 -8.31 -4.10 -2.49
CA VAL A 67 -8.54 -2.66 -2.55
C VAL A 67 -7.32 -1.96 -3.12
N LEU A 68 -7.52 -1.20 -4.19
CA LEU A 68 -6.45 -0.40 -4.76
C LEU A 68 -6.60 1.05 -4.33
N VAL A 69 -5.53 1.59 -3.74
CA VAL A 69 -5.51 3.00 -3.36
C VAL A 69 -4.66 3.78 -4.37
N VAL A 70 -5.23 4.84 -4.92
CA VAL A 70 -4.55 5.61 -5.95
C VAL A 70 -4.63 7.11 -5.69
N ILE A 71 -3.49 7.78 -5.74
CA ILE A 71 -3.45 9.23 -5.70
C ILE A 71 -3.01 9.75 -7.06
N TYR A 72 -3.81 10.62 -7.65
CA TYR A 72 -3.50 11.12 -8.98
C TYR A 72 -3.97 12.55 -9.21
N ASP A 73 -3.41 13.17 -10.24
CA ASP A 73 -3.79 14.49 -10.69
C ASP A 73 -5.10 14.38 -11.47
N HIS A 74 -6.20 14.81 -10.87
CA HIS A 74 -7.51 14.67 -11.52
C HIS A 74 -7.75 15.65 -12.66
N HIS A 75 -6.76 16.49 -12.95
CA HIS A 75 -6.84 17.42 -14.07
C HIS A 75 -6.59 16.67 -15.38
N GLN A 76 -5.84 15.56 -15.26
CA GLN A 76 -5.56 14.69 -16.39
C GLN A 76 -6.84 14.37 -17.17
N ARG A 77 -6.86 14.72 -18.46
CA ARG A 77 -8.06 14.57 -19.28
C ARG A 77 -8.42 13.11 -19.57
N GLU A 78 -7.42 12.24 -19.65
CA GLU A 78 -7.63 10.87 -20.10
C GLU A 78 -7.22 9.80 -19.08
N LEU A 79 -6.62 10.23 -17.96
CA LEU A 79 -6.20 9.30 -16.93
C LEU A 79 -7.30 8.34 -16.45
N ASN A 80 -8.48 8.89 -16.19
CA ASN A 80 -9.59 8.09 -15.70
C ASN A 80 -9.99 6.97 -16.65
N GLN A 81 -10.02 7.28 -17.94
CA GLN A 81 -10.39 6.29 -18.95
C GLN A 81 -9.32 5.21 -19.06
N ARG A 82 -8.06 5.58 -18.85
CA ARG A 82 -6.96 4.62 -18.96
C ARG A 82 -7.01 3.60 -17.84
N MET A 83 -7.34 4.05 -16.64
CA MET A 83 -7.46 3.15 -15.50
C MET A 83 -8.59 2.15 -15.77
N ILE A 84 -9.73 2.66 -16.21
CA ILE A 84 -10.85 1.83 -16.59
C ILE A 84 -10.46 0.74 -17.59
N ASP A 85 -9.75 1.14 -18.65
CA ASP A 85 -9.35 0.20 -19.69
C ASP A 85 -8.39 -0.85 -19.17
N ILE A 86 -7.55 -0.48 -18.21
CA ILE A 86 -6.61 -1.41 -17.62
C ILE A 86 -7.33 -2.47 -16.79
N PHE A 87 -8.37 -2.05 -16.09
CA PHE A 87 -9.18 -2.97 -15.29
C PHE A 87 -9.98 -3.90 -16.20
N HIS A 88 -10.52 -3.35 -17.29
CA HIS A 88 -11.31 -4.15 -18.22
C HIS A 88 -10.45 -5.18 -18.94
N ALA A 89 -9.26 -4.75 -19.36
CA ALA A 89 -8.32 -5.65 -20.03
C ALA A 89 -7.88 -6.77 -19.10
N SER A 90 -7.72 -6.46 -17.82
CA SER A 90 -7.22 -7.42 -16.84
C SER A 90 -8.27 -8.47 -16.49
N GLY A 91 -9.52 -8.19 -16.87
CA GLY A 91 -10.61 -9.10 -16.56
C GLY A 91 -11.03 -8.99 -15.10
N THR A 92 -10.58 -7.93 -14.43
CA THR A 92 -10.92 -7.69 -13.03
C THR A 92 -12.20 -6.86 -12.93
N HIS A 93 -13.03 -7.17 -11.94
CA HIS A 93 -14.29 -6.46 -11.77
C HIS A 93 -14.18 -5.38 -10.69
N VAL A 94 -14.68 -4.19 -11.00
CA VAL A 94 -14.73 -3.10 -10.04
C VAL A 94 -16.11 -3.08 -9.39
N LEU A 95 -16.15 -3.43 -8.11
CA LEU A 95 -17.41 -3.48 -7.37
C LEU A 95 -17.84 -2.09 -6.97
N CYS A 96 -16.85 -1.26 -6.61
CA CYS A 96 -17.13 0.05 -6.04
C CYS A 96 -15.90 0.94 -6.07
N THR A 97 -16.11 2.23 -6.32
CA THR A 97 -15.03 3.21 -6.27
C THR A 97 -15.44 4.46 -5.49
N THR A 98 -14.47 5.10 -4.87
CA THR A 98 -14.70 6.36 -4.18
C THR A 98 -13.58 7.34 -4.49
N HIS A 99 -13.95 8.50 -5.02
CA HIS A 99 -12.98 9.56 -5.28
C HIS A 99 -13.20 10.70 -4.30
N ILE A 100 -12.14 11.09 -3.60
CA ILE A 100 -12.18 12.35 -2.87
C ILE A 100 -11.12 13.27 -3.43
N HIS A 101 -11.50 14.53 -3.63
CA HIS A 101 -10.55 15.56 -4.02
C HIS A 101 -9.90 16.10 -2.75
N MET A 102 -8.59 15.94 -2.64
CA MET A 102 -7.84 16.35 -1.46
C MET A 102 -7.35 17.79 -1.57
N ASP A 103 -7.03 18.21 -2.79
CA ASP A 103 -6.71 19.60 -3.12
C ASP A 103 -6.89 19.84 -4.62
N GLU A 104 -6.63 21.06 -5.09
CA GLU A 104 -6.74 21.38 -6.50
C GLU A 104 -6.09 20.32 -7.40
N HIS A 105 -4.90 19.89 -7.02
CA HIS A 105 -4.14 18.94 -7.80
C HIS A 105 -4.59 17.49 -7.63
N ASN A 106 -4.69 17.04 -6.39
CA ASN A 106 -4.77 15.61 -6.10
C ASN A 106 -6.14 15.05 -5.75
N CYS A 107 -6.44 13.88 -6.31
CA CYS A 107 -7.60 13.09 -5.93
C CYS A 107 -7.12 11.75 -5.38
N LEU A 108 -7.66 11.34 -4.23
CA LEU A 108 -7.38 10.00 -3.71
C LEU A 108 -8.57 9.10 -4.02
N GLU A 109 -8.30 7.94 -4.61
CA GLU A 109 -9.34 7.03 -5.01
C GLU A 109 -9.16 5.66 -4.37
N THR A 110 -10.24 5.10 -3.86
CA THR A 110 -10.23 3.72 -3.38
C THR A 110 -11.06 2.86 -4.32
N ILE A 111 -10.47 1.76 -4.77
CA ILE A 111 -11.12 0.90 -5.76
C ILE A 111 -11.27 -0.51 -5.22
N ILE A 112 -12.51 -0.93 -5.03
CA ILE A 112 -12.78 -2.30 -4.58
C ILE A 112 -12.80 -3.24 -5.79
N LEU A 113 -11.87 -4.18 -5.80
CA LEU A 113 -11.70 -5.07 -6.95
C LEU A 113 -12.04 -6.52 -6.64
N GLN A 114 -12.47 -7.24 -7.67
CA GLN A 114 -12.70 -8.68 -7.57
C GLN A 114 -12.21 -9.36 -8.85
N GLY A 115 -11.44 -10.42 -8.68
CA GLY A 115 -10.88 -11.16 -9.80
C GLY A 115 -9.95 -12.26 -9.31
N ASN A 116 -9.11 -12.76 -10.20
CA ASN A 116 -8.17 -13.81 -9.82
C ASN A 116 -6.84 -13.25 -9.30
N SER A 117 -6.11 -14.07 -8.55
CA SER A 117 -4.90 -13.64 -7.86
C SER A 117 -3.85 -13.05 -8.82
N PHE A 118 -3.57 -13.76 -9.90
CA PHE A 118 -2.55 -13.33 -10.84
C PHE A 118 -2.80 -11.94 -11.41
N GLU A 119 -4.03 -11.71 -11.89
CA GLU A 119 -4.39 -10.45 -12.51
C GLU A 119 -4.32 -9.28 -11.53
N ILE A 120 -4.92 -9.46 -10.36
CA ILE A 120 -4.96 -8.42 -9.33
C ILE A 120 -3.56 -7.95 -8.91
N GLN A 121 -2.61 -8.87 -8.82
CA GLN A 121 -1.28 -8.56 -8.33
C GLN A 121 -0.46 -7.69 -9.29
N ARG A 122 -0.96 -7.50 -10.51
CA ARG A 122 -0.21 -6.78 -11.55
C ARG A 122 -0.77 -5.37 -11.74
N LEU A 123 -1.90 -5.08 -11.11
CA LEU A 123 -2.59 -3.80 -11.24
C LEU A 123 -1.83 -2.63 -10.62
N GLN A 124 -1.24 -2.85 -9.46
CA GLN A 124 -0.52 -1.79 -8.75
C GLN A 124 0.55 -1.14 -9.62
N LEU A 125 1.31 -1.96 -10.33
CA LEU A 125 2.40 -1.44 -11.15
C LEU A 125 1.88 -0.76 -12.41
N GLU A 126 0.89 -1.39 -13.04
CA GLU A 126 0.27 -0.83 -14.24
C GLU A 126 -0.30 0.56 -13.97
N ILE A 127 -1.14 0.66 -12.96
CA ILE A 127 -1.77 1.92 -12.59
C ILE A 127 -0.74 2.93 -12.12
N GLY A 128 0.24 2.45 -11.33
CA GLY A 128 1.26 3.31 -10.79
C GLY A 128 2.14 3.96 -11.85
N GLY A 129 2.23 3.33 -13.02
CA GLY A 129 3.08 3.81 -14.08
C GLY A 129 2.42 4.82 -14.99
N LEU A 130 1.09 4.91 -14.90
CA LEU A 130 0.34 5.89 -15.68
C LEU A 130 0.80 7.30 -15.31
N ARG A 131 0.90 8.18 -16.31
CA ARG A 131 1.25 9.57 -16.04
C ARG A 131 0.07 10.29 -15.39
N GLY A 132 0.38 11.06 -14.33
CA GLY A 132 -0.66 11.66 -13.52
C GLY A 132 -0.78 10.96 -12.18
N VAL A 133 -0.50 9.65 -12.18
CA VAL A 133 -0.57 8.84 -10.95
C VAL A 133 0.67 9.04 -10.09
N LYS A 134 0.44 9.43 -8.83
CA LYS A 134 1.54 9.78 -7.93
C LYS A 134 1.78 8.69 -6.89
N PHE A 135 0.76 7.88 -6.67
CA PHE A 135 0.83 6.81 -5.68
C PHE A 135 -0.19 5.73 -5.98
N ALA A 136 0.25 4.48 -5.85
CA ALA A 136 -0.63 3.33 -6.05
C ALA A 136 -0.20 2.19 -5.14
N LYS A 137 -1.16 1.64 -4.41
CA LYS A 137 -0.89 0.60 -3.42
C LYS A 137 -2.09 -0.32 -3.32
N LEU A 138 -1.88 -1.60 -3.58
CA LEU A 138 -2.97 -2.55 -3.53
C LEU A 138 -2.98 -3.33 -2.22
N THR A 139 -4.17 -3.58 -1.71
CA THR A 139 -4.34 -4.36 -0.49
C THR A 139 -5.17 -5.60 -0.79
N LYS A 140 -4.62 -6.75 -0.44
CA LYS A 140 -5.31 -8.01 -0.65
C LYS A 140 -6.23 -8.30 0.53
N ALA A 141 -7.53 -8.39 0.25
CA ALA A 141 -8.52 -8.71 1.28
C ALA A 141 -8.59 -10.22 1.52
N SER A 142 -8.10 -10.66 2.67
CA SER A 142 -8.02 -12.07 2.98
C SER A 142 -8.16 -12.32 4.48
N SER B 9 23.08 10.61 -15.54
CA SER B 9 22.05 11.00 -14.58
C SER B 9 21.54 9.78 -13.82
N ILE B 10 22.24 8.66 -13.97
CA ILE B 10 21.90 7.47 -13.20
C ILE B 10 23.07 6.91 -12.42
N ILE B 11 22.76 6.43 -11.22
CA ILE B 11 23.75 5.90 -10.29
C ILE B 11 23.42 4.44 -10.04
N ARG B 12 24.45 3.63 -9.86
CA ARG B 12 24.25 2.24 -9.51
C ARG B 12 25.09 1.91 -8.30
N PHE B 13 24.48 1.26 -7.31
CA PHE B 13 25.24 0.70 -6.20
C PHE B 13 24.95 -0.78 -6.18
N SER B 14 25.87 -1.55 -5.62
CA SER B 14 25.70 -3.00 -5.59
C SER B 14 24.90 -3.43 -4.35
N VAL B 15 24.15 -4.51 -4.51
CA VAL B 15 23.42 -5.10 -3.40
C VAL B 15 23.89 -6.54 -3.26
N SER B 16 24.24 -6.94 -2.05
CA SER B 16 24.71 -8.29 -1.79
C SER B 16 23.62 -9.07 -1.06
N LEU B 17 23.26 -10.22 -1.61
CA LEU B 17 22.08 -10.98 -1.16
C LEU B 17 22.34 -12.47 -1.02
N GLN B 18 21.73 -13.09 -0.02
CA GLN B 18 21.65 -14.54 0.02
C GLN B 18 20.78 -14.98 -1.16
N GLN B 19 21.02 -16.17 -1.68
CA GLN B 19 20.29 -16.67 -2.84
C GLN B 19 18.78 -16.65 -2.60
N ASN B 20 18.37 -17.09 -1.42
CA ASN B 20 16.94 -17.19 -1.09
C ASN B 20 16.22 -15.84 -1.10
N LEU B 21 16.93 -14.79 -0.71
CA LEU B 21 16.39 -13.44 -0.80
C LEU B 21 16.29 -13.00 -2.25
N LEU B 22 17.31 -13.33 -3.04
CA LEU B 22 17.31 -13.01 -4.46
C LEU B 22 16.18 -13.73 -5.17
N ASP B 23 15.93 -14.96 -4.73
CA ASP B 23 14.84 -15.77 -5.29
C ASP B 23 13.50 -15.13 -5.01
N GLU B 24 13.32 -14.61 -3.79
CA GLU B 24 12.09 -13.92 -3.43
C GLU B 24 11.92 -12.66 -4.28
N LEU B 25 13.02 -11.96 -4.50
CA LEU B 25 13.01 -10.77 -5.35
C LEU B 25 12.59 -11.14 -6.76
N ASP B 26 13.22 -12.17 -7.32
CA ASP B 26 12.95 -12.60 -8.69
C ASP B 26 11.53 -13.13 -8.87
N ASN B 27 11.04 -13.87 -7.88
CA ASN B 27 9.69 -14.38 -7.91
C ASN B 27 8.65 -13.26 -7.96
N ARG B 28 8.89 -12.22 -7.16
CA ARG B 28 7.98 -11.09 -7.08
C ARG B 28 7.98 -10.28 -8.38
N ILE B 29 9.14 -10.17 -9.01
CA ILE B 29 9.27 -9.46 -10.28
C ILE B 29 8.32 -10.06 -11.31
N ILE B 30 8.32 -11.38 -11.43
CA ILE B 30 7.47 -12.07 -12.37
C ILE B 30 5.99 -12.01 -11.96
N LYS B 31 5.73 -12.14 -10.66
CA LYS B 31 4.37 -12.11 -10.14
C LYS B 31 3.68 -10.77 -10.38
N ASN B 32 4.39 -9.68 -10.06
CA ASN B 32 3.82 -8.34 -10.13
C ASN B 32 4.08 -7.60 -11.44
N GLY B 33 4.92 -8.18 -12.29
CA GLY B 33 5.16 -7.66 -13.61
C GLY B 33 6.20 -6.56 -13.67
N TYR B 34 7.14 -6.58 -12.72
CA TYR B 34 8.25 -5.64 -12.74
C TYR B 34 9.16 -5.95 -13.92
N SER B 35 9.81 -4.93 -14.45
CA SER B 35 10.63 -5.06 -15.65
C SER B 35 12.05 -5.49 -15.32
N SER B 36 12.47 -5.25 -14.08
CA SER B 36 13.83 -5.54 -13.68
C SER B 36 13.96 -5.56 -12.17
N ARG B 37 15.12 -6.03 -11.70
CA ARG B 37 15.43 -6.04 -10.28
C ARG B 37 15.57 -4.62 -9.77
N SER B 38 16.14 -3.76 -10.61
CA SER B 38 16.33 -2.36 -10.24
C SER B 38 15.01 -1.66 -9.98
N GLU B 39 14.03 -1.85 -10.86
CA GLU B 39 12.73 -1.23 -10.67
C GLU B 39 12.08 -1.67 -9.37
N LEU B 40 12.12 -2.97 -9.09
CA LEU B 40 11.53 -3.50 -7.87
C LEU B 40 12.24 -2.99 -6.64
N VAL B 41 13.57 -2.96 -6.69
CA VAL B 41 14.37 -2.48 -5.56
C VAL B 41 14.07 -1.01 -5.28
N ARG B 42 13.94 -0.22 -6.33
CA ARG B 42 13.58 1.19 -6.17
C ARG B 42 12.24 1.33 -5.48
N ASP B 43 11.27 0.54 -5.92
CA ASP B 43 9.95 0.52 -5.28
C ASP B 43 10.03 0.16 -3.81
N MET B 44 10.82 -0.87 -3.50
CA MET B 44 10.99 -1.31 -2.12
C MET B 44 11.64 -0.23 -1.27
N ILE B 45 12.68 0.41 -1.82
CA ILE B 45 13.37 1.49 -1.12
C ILE B 45 12.41 2.61 -0.78
N ARG B 46 11.61 3.03 -1.77
CA ARG B 46 10.59 4.06 -1.55
C ARG B 46 9.64 3.66 -0.43
N GLU B 47 9.12 2.44 -0.50
CA GLU B 47 8.18 1.95 0.50
C GLU B 47 8.82 1.90 1.89
N LYS B 48 10.09 1.49 1.93
CA LYS B 48 10.81 1.40 3.19
C LYS B 48 11.02 2.79 3.79
N LEU B 49 11.36 3.74 2.92
CA LEU B 49 11.60 5.11 3.36
C LEU B 49 10.33 5.72 3.98
N VAL B 50 9.17 5.36 3.43
CA VAL B 50 7.90 5.85 3.96
C VAL B 50 7.63 5.27 5.35
N GLU B 51 7.90 3.98 5.49
CA GLU B 51 7.80 3.30 6.78
C GLU B 51 8.65 3.99 7.83
N ASP B 52 9.95 4.06 7.58
CA ASP B 52 10.88 4.73 8.48
C ASP B 52 10.43 6.16 8.79
N ASN B 53 9.87 6.85 7.80
CA ASN B 53 9.39 8.22 7.98
C ASN B 53 8.23 8.23 8.96
N TRP B 54 7.33 7.27 8.82
CA TRP B 54 6.19 7.15 9.72
C TRP B 54 6.64 6.64 11.09
N ALA B 55 7.80 6.00 11.12
CA ALA B 55 8.32 5.42 12.35
C ALA B 55 8.90 6.50 13.27
N GLU B 56 9.01 7.72 12.74
CA GLU B 56 9.46 8.86 13.54
C GLU B 56 8.32 9.39 14.40
N ASP B 57 8.59 9.58 15.68
CA ASP B 57 7.58 10.09 16.59
C ASP B 57 7.47 11.61 16.47
N ASN B 58 6.72 12.05 15.47
CA ASN B 58 6.51 13.48 15.21
C ASN B 58 5.10 13.94 15.60
N PRO B 59 4.87 14.19 16.89
CA PRO B 59 3.52 14.51 17.38
C PRO B 59 2.88 15.67 16.60
N ASN B 60 3.67 16.67 16.25
CA ASN B 60 3.15 17.89 15.63
C ASN B 60 2.88 17.79 14.13
N ASP B 61 3.40 16.74 13.49
CA ASP B 61 3.17 16.53 12.07
C ASP B 61 1.88 15.76 11.85
N GLU B 62 0.77 16.49 11.71
CA GLU B 62 -0.53 15.88 11.54
C GLU B 62 -1.00 15.90 10.08
N SER B 63 -0.05 15.84 9.16
CA SER B 63 -0.35 15.97 7.74
C SER B 63 -0.42 14.63 7.03
N LYS B 64 -0.12 13.56 7.74
CA LYS B 64 -0.03 12.24 7.13
C LYS B 64 -1.39 11.71 6.67
N ILE B 65 -1.40 11.10 5.49
CA ILE B 65 -2.62 10.52 4.92
C ILE B 65 -2.49 9.01 4.86
N ALA B 66 -3.54 8.31 5.27
CA ALA B 66 -3.55 6.87 5.22
C ALA B 66 -4.96 6.36 4.90
N VAL B 67 -5.03 5.14 4.38
CA VAL B 67 -6.31 4.47 4.18
C VAL B 67 -6.31 3.18 4.98
N LEU B 68 -7.27 3.07 5.90
CA LEU B 68 -7.43 1.84 6.67
C LEU B 68 -8.50 0.97 6.02
N VAL B 69 -8.13 -0.25 5.67
CA VAL B 69 -9.07 -1.18 5.05
C VAL B 69 -9.52 -2.22 6.06
N VAL B 70 -10.83 -2.32 6.26
CA VAL B 70 -11.39 -3.20 7.28
C VAL B 70 -12.49 -4.08 6.73
N ILE B 71 -12.42 -5.37 7.05
CA ILE B 71 -13.54 -6.28 6.81
C ILE B 71 -14.06 -6.75 8.16
N TYR B 72 -15.34 -6.52 8.42
CA TYR B 72 -15.93 -6.89 9.69
C TYR B 72 -17.37 -7.39 9.56
N ASP B 73 -17.82 -8.09 10.59
CA ASP B 73 -19.18 -8.62 10.63
C ASP B 73 -20.08 -7.60 11.34
N HIS B 74 -20.98 -6.96 10.58
CA HIS B 74 -21.82 -5.91 11.17
C HIS B 74 -22.86 -6.47 12.13
N HIS B 75 -22.96 -7.81 12.18
CA HIS B 75 -23.88 -8.47 13.08
C HIS B 75 -23.32 -8.61 14.51
N GLN B 76 -22.00 -8.51 14.64
CA GLN B 76 -21.36 -8.58 15.95
C GLN B 76 -21.95 -7.50 16.84
N ARG B 77 -22.45 -7.90 18.00
CA ARG B 77 -23.14 -6.97 18.90
C ARG B 77 -22.20 -5.90 19.48
N GLU B 78 -22.58 -4.64 19.31
CA GLU B 78 -21.84 -3.52 19.89
C GLU B 78 -20.55 -3.18 19.14
N LEU B 79 -20.25 -3.93 18.08
CA LEU B 79 -19.03 -3.71 17.31
C LEU B 79 -19.03 -2.36 16.61
N ASN B 80 -20.15 -2.03 15.95
CA ASN B 80 -20.31 -0.73 15.31
C ASN B 80 -20.11 0.44 16.28
N GLN B 81 -20.79 0.38 17.42
CA GLN B 81 -20.68 1.42 18.43
C GLN B 81 -19.27 1.48 19.00
N ARG B 82 -18.66 0.31 19.16
CA ARG B 82 -17.30 0.20 19.69
C ARG B 82 -16.32 0.89 18.72
N MET B 83 -16.53 0.66 17.42
CA MET B 83 -15.71 1.31 16.41
C MET B 83 -15.95 2.82 16.39
N ILE B 84 -17.20 3.23 16.60
CA ILE B 84 -17.55 4.65 16.69
C ILE B 84 -16.85 5.28 17.90
N ASP B 85 -16.92 4.61 19.04
CA ASP B 85 -16.24 5.05 20.25
C ASP B 85 -14.75 5.30 20.00
N ILE B 86 -14.13 4.37 19.28
CA ILE B 86 -12.70 4.45 19.01
C ILE B 86 -12.33 5.67 18.16
N PHE B 87 -13.14 5.93 17.13
CA PHE B 87 -12.89 7.06 16.26
C PHE B 87 -13.13 8.40 16.95
N HIS B 88 -14.15 8.48 17.79
CA HIS B 88 -14.42 9.69 18.56
C HIS B 88 -13.26 9.97 19.53
N ALA B 89 -12.71 8.91 20.14
CA ALA B 89 -11.59 9.04 21.05
C ALA B 89 -10.28 9.34 20.31
N SER B 90 -10.29 9.15 19.00
CA SER B 90 -9.09 9.33 18.18
C SER B 90 -8.84 10.79 17.80
N GLY B 91 -7.57 11.17 17.76
CA GLY B 91 -7.19 12.53 17.41
C GLY B 91 -7.07 12.70 15.91
N THR B 92 -7.18 11.60 15.18
CA THR B 92 -7.09 11.64 13.73
C THR B 92 -8.35 12.26 13.14
N HIS B 93 -8.22 12.77 11.92
CA HIS B 93 -9.36 13.29 11.18
C HIS B 93 -9.77 12.30 10.10
N VAL B 94 -11.02 11.86 10.16
CA VAL B 94 -11.58 11.05 9.09
C VAL B 94 -12.06 11.96 7.98
N LEU B 95 -11.49 11.80 6.78
CA LEU B 95 -11.86 12.62 5.65
C LEU B 95 -13.07 12.02 4.97
N CYS B 96 -13.08 10.70 4.89
CA CYS B 96 -14.10 9.97 4.15
C CYS B 96 -14.07 8.49 4.47
N THR B 97 -15.25 7.88 4.56
CA THR B 97 -15.36 6.43 4.68
C THR B 97 -16.37 5.89 3.70
N THR B 98 -16.10 4.69 3.18
CA THR B 98 -17.03 3.99 2.33
C THR B 98 -17.28 2.59 2.89
N HIS B 99 -18.55 2.29 3.14
CA HIS B 99 -18.94 0.97 3.59
C HIS B 99 -19.57 0.22 2.42
N ILE B 100 -19.12 -1.01 2.18
CA ILE B 100 -19.75 -1.84 1.16
C ILE B 100 -20.15 -3.18 1.75
N HIS B 101 -21.40 -3.58 1.49
CA HIS B 101 -21.92 -4.86 1.97
C HIS B 101 -21.46 -5.98 1.05
N MET B 102 -20.63 -6.88 1.58
CA MET B 102 -20.14 -8.01 0.82
C MET B 102 -21.18 -9.13 0.82
N ASP B 103 -21.47 -9.64 2.01
CA ASP B 103 -22.51 -10.64 2.21
C ASP B 103 -23.14 -10.45 3.58
N GLU B 104 -23.92 -11.44 4.02
CA GLU B 104 -24.60 -11.35 5.31
C GLU B 104 -23.66 -11.02 6.47
N HIS B 105 -22.47 -11.62 6.47
CA HIS B 105 -21.56 -11.50 7.61
C HIS B 105 -20.25 -10.79 7.30
N ASN B 106 -20.19 -10.10 6.16
CA ASN B 106 -18.99 -9.34 5.82
C ASN B 106 -19.29 -7.96 5.25
N CYS B 107 -18.75 -6.95 5.91
CA CYS B 107 -18.80 -5.58 5.42
C CYS B 107 -17.37 -5.12 5.16
N LEU B 108 -17.12 -4.58 3.97
CA LEU B 108 -15.81 -4.00 3.70
C LEU B 108 -15.88 -2.48 3.77
N GLU B 109 -14.92 -1.90 4.49
CA GLU B 109 -14.89 -0.47 4.73
C GLU B 109 -13.52 0.10 4.45
N THR B 110 -13.47 1.17 3.69
CA THR B 110 -12.22 1.92 3.48
C THR B 110 -12.34 3.23 4.24
N ILE B 111 -11.34 3.53 5.06
CA ILE B 111 -11.37 4.74 5.87
C ILE B 111 -10.17 5.62 5.53
N ILE B 112 -10.45 6.82 5.03
CA ILE B 112 -9.38 7.75 4.66
C ILE B 112 -9.12 8.71 5.82
N LEU B 113 -7.90 8.65 6.36
CA LEU B 113 -7.57 9.37 7.58
C LEU B 113 -6.48 10.41 7.36
N GLN B 114 -6.42 11.38 8.27
CA GLN B 114 -5.37 12.37 8.28
C GLN B 114 -5.01 12.70 9.74
N GLY B 115 -3.71 12.76 10.02
CA GLY B 115 -3.23 13.06 11.36
C GLY B 115 -1.75 12.71 11.48
N ASN B 116 -1.28 12.53 12.71
CA ASN B 116 0.09 12.09 12.93
C ASN B 116 0.17 10.55 12.97
N SER B 117 1.37 10.02 12.82
CA SER B 117 1.56 8.58 12.72
C SER B 117 1.18 7.83 14.00
N PHE B 118 1.40 8.45 15.15
CA PHE B 118 1.04 7.84 16.42
C PHE B 118 -0.46 7.54 16.49
N GLU B 119 -1.27 8.57 16.22
CA GLU B 119 -2.73 8.44 16.28
C GLU B 119 -3.28 7.49 15.23
N ILE B 120 -2.71 7.55 14.02
CA ILE B 120 -3.18 6.71 12.93
C ILE B 120 -2.90 5.22 13.19
N GLN B 121 -1.71 4.92 13.71
CA GLN B 121 -1.36 3.53 14.01
C GLN B 121 -2.06 3.02 15.27
N ARG B 122 -2.22 3.89 16.26
CA ARG B 122 -3.01 3.53 17.45
C ARG B 122 -4.43 3.14 17.01
N LEU B 123 -4.95 3.88 16.04
CA LEU B 123 -6.29 3.61 15.51
C LEU B 123 -6.31 2.24 14.83
N GLN B 124 -5.32 1.99 13.99
CA GLN B 124 -5.19 0.70 13.32
C GLN B 124 -5.12 -0.43 14.35
N LEU B 125 -4.29 -0.24 15.37
CA LEU B 125 -4.10 -1.23 16.41
C LEU B 125 -5.40 -1.54 17.13
N GLU B 126 -6.12 -0.49 17.53
CA GLU B 126 -7.36 -0.65 18.28
C GLU B 126 -8.48 -1.31 17.46
N ILE B 127 -8.59 -0.95 16.19
CA ILE B 127 -9.59 -1.53 15.32
C ILE B 127 -9.29 -2.99 15.02
N GLY B 128 -8.02 -3.27 14.75
CA GLY B 128 -7.60 -4.62 14.38
C GLY B 128 -7.79 -5.64 15.48
N GLY B 129 -7.78 -5.19 16.73
CA GLY B 129 -7.89 -6.08 17.87
C GLY B 129 -9.31 -6.33 18.31
N LEU B 130 -10.27 -5.94 17.47
CA LEU B 130 -11.68 -6.09 17.80
C LEU B 130 -12.26 -7.43 17.36
N ARG B 131 -13.16 -7.95 18.18
CA ARG B 131 -13.90 -9.17 17.91
C ARG B 131 -14.91 -8.90 16.81
N GLY B 132 -14.85 -9.69 15.72
CA GLY B 132 -15.72 -9.47 14.59
C GLY B 132 -15.00 -8.79 13.44
N VAL B 133 -13.84 -8.23 13.74
CA VAL B 133 -12.98 -7.63 12.71
C VAL B 133 -12.06 -8.70 12.14
N LYS B 134 -12.32 -9.11 10.91
CA LYS B 134 -11.58 -10.20 10.29
C LYS B 134 -10.26 -9.72 9.72
N PHE B 135 -10.25 -8.45 9.29
CA PHE B 135 -9.16 -7.91 8.50
C PHE B 135 -9.00 -6.42 8.71
N ALA B 136 -7.77 -5.98 8.90
CA ALA B 136 -7.46 -4.57 9.09
C ALA B 136 -6.03 -4.28 8.62
N LYS B 137 -5.91 -3.54 7.53
CA LYS B 137 -4.62 -3.21 6.95
C LYS B 137 -4.53 -1.72 6.61
N LEU B 138 -3.37 -1.13 6.86
CA LEU B 138 -3.17 0.31 6.65
C LEU B 138 -2.29 0.60 5.43
N THR B 139 -2.75 1.54 4.59
CA THR B 139 -1.96 2.03 3.47
C THR B 139 -1.41 3.42 3.80
N LYS B 140 -0.09 3.54 3.82
CA LYS B 140 0.56 4.82 4.08
C LYS B 140 0.83 5.56 2.77
N ALA B 141 0.22 6.73 2.62
CA ALA B 141 0.40 7.55 1.43
C ALA B 141 1.63 8.43 1.58
S SO4 C . -16.91 -4.53 -14.48
O1 SO4 C . -16.31 -5.42 -15.48
O2 SO4 C . -15.86 -3.74 -13.84
O3 SO4 C . -17.85 -3.64 -15.15
O4 SO4 C . -17.62 -5.32 -13.48
S SO4 D . 26.21 -5.11 5.45
O1 SO4 D . 26.77 -5.59 4.18
O2 SO4 D . 24.79 -4.81 5.27
O3 SO4 D . 26.37 -6.14 6.47
O4 SO4 D . 26.90 -3.89 5.87
C1 GOL E . 2.12 -6.67 -0.12
O1 GOL E . 2.66 -5.65 0.69
C2 GOL E . 2.33 -6.37 -1.60
O2 GOL E . 3.57 -5.72 -1.81
C3 GOL E . 2.30 -7.67 -2.39
O3 GOL E . 2.32 -7.39 -3.76
C1 GOL F . 3.86 4.25 -6.05
O1 GOL F . 3.02 3.95 -4.97
C2 GOL F . 3.20 3.73 -7.32
O2 GOL F . 3.47 2.35 -7.50
C3 GOL F . 3.67 4.54 -8.54
O3 GOL F . 2.94 5.75 -8.59
C TRS G . -11.34 21.57 -8.83
C1 TRS G . -10.50 21.20 -10.05
C2 TRS G . -10.50 21.39 -7.58
C3 TRS G . -12.61 20.73 -8.79
N TRS G . -11.71 22.98 -8.93
O1 TRS G . -10.54 22.25 -10.99
O2 TRS G . -9.15 21.46 -7.97
O3 TRS G . -12.29 19.44 -8.32
C1 CIT H . -14.89 10.76 -11.03
O1 CIT H . -15.01 11.11 -9.83
O2 CIT H . -15.03 9.55 -11.31
C2 CIT H . -14.54 11.77 -12.09
C3 CIT H . -13.66 12.87 -11.51
O7 CIT H . -14.38 13.56 -10.45
C4 CIT H . -13.24 13.84 -12.60
C5 CIT H . -12.49 14.99 -11.97
O3 CIT H . -12.98 16.14 -11.96
O4 CIT H . -11.36 14.81 -11.47
C6 CIT H . -12.38 12.26 -10.96
O5 CIT H . -11.69 11.50 -11.67
O6 CIT H . -12.00 12.54 -9.81
S SO4 I . 10.55 4.18 -11.29
O1 SO4 I . 11.43 5.32 -11.50
O2 SO4 I . 9.18 4.65 -11.07
O3 SO4 I . 10.59 3.31 -12.46
O4 SO4 I . 10.99 3.43 -10.11
S SO4 J . 17.61 -7.92 -14.42
O1 SO4 J . 18.32 -7.25 -15.51
O2 SO4 J . 16.47 -8.66 -14.97
O3 SO4 J . 18.51 -8.84 -13.73
O4 SO4 J . 17.12 -6.92 -13.47
S SO4 K . 15.39 0.05 -14.89
O1 SO4 K . 15.01 1.08 -15.86
O2 SO4 K . 14.26 -0.23 -14.01
O3 SO4 K . 15.76 -1.17 -15.62
O4 SO4 K . 16.53 0.52 -14.11
C1 GOL L . 5.46 -1.98 -3.61
O1 GOL L . 4.41 -2.72 -3.03
C2 GOL L . 6.54 -2.95 -4.10
O2 GOL L . 5.90 -4.09 -4.64
C3 GOL L . 7.40 -3.37 -2.93
O3 GOL L . 7.90 -2.24 -2.25
#